data_1WOQ
#
_entry.id   1WOQ
#
_cell.length_a   65.214
_cell.length_b   82.524
_cell.length_c   102.055
_cell.angle_alpha   90.00
_cell.angle_beta   90.00
_cell.angle_gamma   90.00
#
_symmetry.space_group_name_H-M   'P 21 21 21'
#
loop_
_entity.id
_entity.type
_entity.pdbx_description
1 polymer 'Inorganic polyphosphate/ATP-glucomannokinase'
2 non-polymer beta-D-glucopyranose
3 non-polymer 'PHOSPHATE ION'
4 water water
#
_entity_poly.entity_id   1
_entity_poly.type   'polypeptide(L)'
_entity_poly.pdbx_seq_one_letter_code
;MAKKDEKSHKNAPLIGIDIGGTGIKGGIVDLKKGKLLGERFRVPTPQPATPESVAEAVALVVAELSARPEAPAAGSPVGV
TFPGIIQHGVVHSAANVDKSWLNTDIDALLTARLGRPVEVINDADAAGLAEARYGAGAGVKGTVLVITLGTGIGSAFIFD
GKLVPNAELGHLEIDGHDAETKASAVARERDGLSWDEYSVLLQRYFSHVEFLFSPELFIVGGGISKRADEYLPNLRLRTP
IVPAVLRNEAGIVGAAIEIALQHKLAK
;
_entity_poly.pdbx_strand_id   A,B
#
loop_
_chem_comp.id
_chem_comp.type
_chem_comp.name
_chem_comp.formula
BGC D-saccharide, beta linking beta-D-glucopyranose 'C6 H12 O6'
PO4 non-polymer 'PHOSPHATE ION' 'O4 P -3'
#
# COMPACT_ATOMS: atom_id res chain seq x y z
N ASN A 11 5.40 -21.42 24.83
CA ASN A 11 6.63 -22.20 24.54
C ASN A 11 7.90 -21.40 24.81
N ALA A 12 8.96 -21.71 24.08
CA ALA A 12 10.24 -21.03 24.23
C ALA A 12 10.20 -19.56 23.84
N PRO A 13 10.69 -18.68 24.72
CA PRO A 13 10.70 -17.25 24.40
C PRO A 13 11.82 -16.95 23.41
N LEU A 14 11.79 -15.74 22.85
CA LEU A 14 12.82 -15.32 21.90
C LEU A 14 13.26 -13.91 22.23
N ILE A 15 14.53 -13.61 22.00
CA ILE A 15 15.04 -12.28 22.26
C ILE A 15 14.74 -11.38 21.08
N GLY A 16 14.23 -10.18 21.38
CA GLY A 16 13.93 -9.20 20.35
C GLY A 16 14.72 -7.95 20.68
N ILE A 17 15.30 -7.32 19.66
CA ILE A 17 16.10 -6.11 19.85
C ILE A 17 15.54 -4.99 18.99
N ASP A 18 15.40 -3.80 19.56
CA ASP A 18 14.87 -2.65 18.83
C ASP A 18 15.93 -1.55 18.76
N ILE A 19 16.40 -1.28 17.55
CA ILE A 19 17.42 -0.25 17.35
C ILE A 19 16.75 1.09 17.08
N GLY A 20 16.91 2.02 18.02
CA GLY A 20 16.30 3.32 17.86
C GLY A 20 17.32 4.44 17.70
N GLY A 21 16.83 5.66 17.54
CA GLY A 21 17.72 6.79 17.37
C GLY A 21 18.49 7.14 18.63
N THR A 22 17.85 7.01 19.79
CA THR A 22 18.50 7.34 21.05
C THR A 22 18.83 6.13 21.92
N GLY A 23 18.20 5.01 21.66
CA GLY A 23 18.48 3.83 22.47
C GLY A 23 18.33 2.51 21.75
N ILE A 24 19.11 1.52 22.18
CA ILE A 24 19.06 0.18 21.63
C ILE A 24 18.60 -0.67 22.80
N LYS A 25 17.39 -1.17 22.71
CA LYS A 25 16.82 -1.94 23.79
C LYS A 25 16.39 -3.33 23.37
N GLY A 26 16.30 -4.23 24.34
CA GLY A 26 15.90 -5.59 24.03
C GLY A 26 15.12 -6.19 25.17
N GLY A 27 14.49 -7.33 24.89
CA GLY A 27 13.72 -8.01 25.89
C GLY A 27 13.53 -9.45 25.50
N ILE A 28 13.22 -10.29 26.48
CA ILE A 28 12.97 -11.70 26.24
C ILE A 28 11.46 -11.75 26.06
N VAL A 29 11.03 -12.17 24.87
CA VAL A 29 9.61 -12.19 24.55
C VAL A 29 8.92 -13.53 24.63
N ASP A 30 7.80 -13.54 25.36
CA ASP A 30 6.97 -14.73 25.49
C ASP A 30 5.90 -14.54 24.42
N LEU A 31 6.03 -15.28 23.32
CA LEU A 31 5.08 -15.14 22.22
C LEU A 31 3.67 -15.61 22.53
N LYS A 32 3.51 -16.30 23.65
CA LYS A 32 2.18 -16.77 24.04
C LYS A 32 1.36 -15.63 24.60
N LYS A 33 2.00 -14.69 25.28
CA LYS A 33 1.29 -13.55 25.86
C LYS A 33 1.58 -12.24 25.13
N GLY A 34 2.63 -12.24 24.32
CA GLY A 34 2.98 -11.03 23.59
C GLY A 34 3.59 -10.00 24.53
N LYS A 35 4.21 -10.48 25.60
CA LYS A 35 4.84 -9.61 26.57
C LYS A 35 6.27 -10.08 26.88
N LEU A 36 7.01 -9.23 27.57
CA LEU A 36 8.38 -9.54 27.93
C LEU A 36 8.48 -10.28 29.25
N LEU A 37 9.48 -11.15 29.36
CA LEU A 37 9.74 -11.88 30.59
C LEU A 37 10.80 -11.04 31.26
N GLY A 38 10.49 -10.51 32.44
CA GLY A 38 11.45 -9.67 33.13
C GLY A 38 11.43 -8.27 32.55
N GLU A 39 12.45 -7.49 32.87
CA GLU A 39 12.55 -6.11 32.39
C GLU A 39 13.30 -5.98 31.06
N ARG A 40 13.00 -4.94 30.31
CA ARG A 40 13.69 -4.71 29.05
C ARG A 40 15.04 -4.11 29.44
N PHE A 41 16.04 -4.31 28.59
CA PHE A 41 17.38 -3.81 28.85
C PHE A 41 17.77 -2.86 27.74
N ARG A 42 18.37 -1.73 28.10
CA ARG A 42 18.76 -0.75 27.10
C ARG A 42 20.14 -0.15 27.30
N VAL A 43 20.80 0.16 26.19
CA VAL A 43 22.10 0.80 26.22
C VAL A 43 21.95 1.98 25.25
N PRO A 44 22.77 3.02 25.41
CA PRO A 44 22.66 4.18 24.52
C PRO A 44 23.03 3.86 23.09
N THR A 45 22.33 4.48 22.14
CA THR A 45 22.64 4.27 20.74
C THR A 45 23.97 4.99 20.52
N PRO A 46 25.01 4.26 20.09
CA PRO A 46 26.31 4.89 19.87
C PRO A 46 26.23 6.00 18.83
N GLN A 47 27.11 6.98 18.97
CA GLN A 47 27.16 8.11 18.04
C GLN A 47 28.59 8.42 17.64
N PRO A 48 28.88 8.36 16.33
CA PRO A 48 27.91 8.01 15.28
C PRO A 48 27.45 6.56 15.38
N ALA A 49 26.25 6.28 14.86
CA ALA A 49 25.70 4.94 14.91
C ALA A 49 26.09 4.21 13.62
N THR A 50 27.31 3.68 13.59
CA THR A 50 27.81 2.96 12.43
C THR A 50 27.59 1.46 12.60
N PRO A 51 27.65 0.70 11.50
CA PRO A 51 27.46 -0.75 11.56
C PRO A 51 28.30 -1.38 12.67
N GLU A 52 29.57 -0.98 12.74
CA GLU A 52 30.47 -1.52 13.74
C GLU A 52 30.08 -1.16 15.17
N SER A 53 29.78 0.11 15.43
CA SER A 53 29.41 0.54 16.77
C SER A 53 28.06 -0.03 17.21
N VAL A 54 27.11 -0.06 16.29
CA VAL A 54 25.79 -0.60 16.58
C VAL A 54 25.89 -2.10 16.86
N ALA A 55 26.72 -2.80 16.10
CA ALA A 55 26.87 -4.24 16.30
C ALA A 55 27.36 -4.52 17.71
N GLU A 56 28.30 -3.72 18.20
CA GLU A 56 28.81 -3.89 19.54
C GLU A 56 27.73 -3.66 20.59
N ALA A 57 26.92 -2.63 20.40
CA ALA A 57 25.83 -2.32 21.33
C ALA A 57 24.79 -3.44 21.38
N VAL A 58 24.45 -3.96 20.20
CA VAL A 58 23.48 -5.04 20.14
C VAL A 58 24.03 -6.26 20.87
N ALA A 59 25.31 -6.54 20.67
CA ALA A 59 25.94 -7.68 21.34
C ALA A 59 25.82 -7.56 22.85
N LEU A 60 26.02 -6.35 23.38
CA LEU A 60 25.92 -6.15 24.82
C LEU A 60 24.51 -6.40 25.33
N VAL A 61 23.51 -5.93 24.60
CA VAL A 61 22.13 -6.14 25.03
C VAL A 61 21.80 -7.63 25.02
N VAL A 62 22.15 -8.30 23.93
CA VAL A 62 21.89 -9.73 23.81
C VAL A 62 22.64 -10.52 24.89
N ALA A 63 23.87 -10.12 25.17
CA ALA A 63 24.67 -10.81 26.18
C ALA A 63 23.98 -10.72 27.54
N GLU A 64 23.48 -9.54 27.87
CA GLU A 64 22.79 -9.31 29.14
C GLU A 64 21.55 -10.20 29.27
N LEU A 65 20.70 -10.18 28.25
CA LEU A 65 19.47 -10.97 28.26
C LEU A 65 19.73 -12.46 28.25
N SER A 66 20.75 -12.89 27.51
CA SER A 66 21.08 -14.31 27.42
C SER A 66 21.61 -14.88 28.73
N ALA A 67 22.06 -14.01 29.63
CA ALA A 67 22.60 -14.45 30.91
C ALA A 67 21.51 -14.59 31.97
N ARG A 68 20.30 -14.14 31.66
CA ARG A 68 19.21 -14.23 32.61
C ARG A 68 18.62 -15.63 32.71
N PRO A 69 18.11 -16.01 33.88
CA PRO A 69 17.52 -17.33 34.07
C PRO A 69 16.35 -17.62 33.12
N GLU A 70 15.65 -16.58 32.69
CA GLU A 70 14.51 -16.75 31.80
C GLU A 70 14.92 -16.68 30.32
N ALA A 71 16.22 -16.63 30.06
CA ALA A 71 16.70 -16.56 28.68
C ALA A 71 16.44 -17.83 27.88
N PRO A 72 16.26 -17.70 26.56
CA PRO A 72 16.01 -18.86 25.70
C PRO A 72 17.33 -19.59 25.48
N ALA A 73 17.31 -20.68 24.71
CA ALA A 73 18.53 -21.44 24.45
C ALA A 73 19.62 -20.53 23.87
N ALA A 74 20.85 -20.76 24.29
CA ALA A 74 21.99 -19.95 23.86
C ALA A 74 22.16 -19.74 22.35
N GLY A 75 21.72 -20.70 21.55
CA GLY A 75 21.87 -20.55 20.11
C GLY A 75 20.60 -20.16 19.38
N SER A 76 19.56 -19.80 20.14
CA SER A 76 18.30 -19.40 19.53
C SER A 76 18.45 -18.14 18.69
N PRO A 77 17.69 -18.03 17.60
CA PRO A 77 17.76 -16.86 16.73
C PRO A 77 17.28 -15.60 17.44
N VAL A 78 17.84 -14.46 17.06
CA VAL A 78 17.48 -13.18 17.66
C VAL A 78 16.88 -12.25 16.61
N GLY A 79 15.75 -11.62 16.96
CA GLY A 79 15.10 -10.69 16.05
C GLY A 79 15.58 -9.28 16.36
N VAL A 80 15.82 -8.50 15.31
CA VAL A 80 16.31 -7.14 15.49
C VAL A 80 15.61 -6.18 14.53
N THR A 81 15.31 -4.97 14.99
CA THR A 81 14.68 -3.98 14.12
C THR A 81 15.70 -2.98 13.63
N PHE A 82 15.38 -2.30 12.55
CA PHE A 82 16.27 -1.29 11.99
C PHE A 82 15.39 -0.27 11.27
N PRO A 83 15.68 1.03 11.45
CA PRO A 83 14.90 2.09 10.81
C PRO A 83 15.15 2.30 9.33
N GLY A 84 14.88 1.27 8.52
CA GLY A 84 15.07 1.41 7.09
C GLY A 84 14.50 0.22 6.33
N ILE A 85 14.54 0.28 5.01
CA ILE A 85 14.04 -0.81 4.17
C ILE A 85 14.99 -2.00 4.34
N ILE A 86 14.43 -3.17 4.62
CA ILE A 86 15.23 -4.38 4.79
C ILE A 86 14.78 -5.44 3.77
N GLN A 87 15.69 -5.82 2.88
CA GLN A 87 15.39 -6.84 1.87
C GLN A 87 16.46 -7.93 1.94
N HIS A 88 16.02 -9.15 2.23
CA HIS A 88 16.94 -10.27 2.34
C HIS A 88 18.11 -9.92 3.25
N GLY A 89 17.79 -9.33 4.40
CA GLY A 89 18.81 -8.95 5.38
C GLY A 89 19.72 -7.79 5.04
N VAL A 90 19.43 -7.09 3.95
CA VAL A 90 20.26 -5.97 3.53
C VAL A 90 19.54 -4.63 3.69
N VAL A 91 20.25 -3.63 4.19
CA VAL A 91 19.66 -2.31 4.40
C VAL A 91 19.61 -1.51 3.10
N HIS A 92 18.42 -1.04 2.73
CA HIS A 92 18.27 -0.28 1.48
C HIS A 92 17.90 1.19 1.66
N SER A 93 17.84 1.65 2.89
CA SER A 93 17.55 3.06 3.17
C SER A 93 18.11 3.38 4.55
N ALA A 94 18.52 4.63 4.74
CA ALA A 94 19.08 5.06 6.02
C ALA A 94 18.74 6.52 6.22
N ALA A 95 17.45 6.83 6.20
CA ALA A 95 16.97 8.19 6.34
C ALA A 95 17.56 8.97 7.51
N ASN A 96 17.55 8.35 8.69
CA ASN A 96 18.04 9.06 9.87
C ASN A 96 19.18 8.35 10.62
N VAL A 97 19.97 7.60 9.88
CA VAL A 97 21.11 6.89 10.44
C VAL A 97 22.30 7.07 9.49
N ASP A 98 23.50 6.72 9.96
CA ASP A 98 24.70 6.88 9.13
C ASP A 98 24.53 6.21 7.77
N LYS A 99 24.87 6.92 6.71
CA LYS A 99 24.72 6.39 5.37
C LYS A 99 25.59 5.17 5.06
N SER A 100 26.54 4.86 5.94
CA SER A 100 27.38 3.68 5.74
C SER A 100 26.53 2.43 5.87
N TRP A 101 25.31 2.59 6.38
CA TRP A 101 24.40 1.48 6.54
C TRP A 101 23.87 0.99 5.20
N LEU A 102 23.79 1.91 4.24
CA LEU A 102 23.29 1.56 2.91
C LEU A 102 24.05 0.38 2.30
N ASN A 103 23.27 -0.59 1.81
CA ASN A 103 23.81 -1.80 1.19
C ASN A 103 24.56 -2.72 2.15
N THR A 104 24.38 -2.50 3.44
CA THR A 104 25.02 -3.34 4.45
C THR A 104 24.17 -4.57 4.74
N ASP A 105 24.79 -5.74 4.71
CA ASP A 105 24.08 -6.98 5.02
C ASP A 105 24.07 -7.01 6.55
N ILE A 106 23.03 -6.43 7.13
CA ILE A 106 22.92 -6.37 8.59
C ILE A 106 22.68 -7.74 9.23
N ASP A 107 21.99 -8.64 8.52
CA ASP A 107 21.77 -9.98 9.08
C ASP A 107 23.12 -10.68 9.26
N ALA A 108 23.97 -10.59 8.24
CA ALA A 108 25.29 -11.21 8.29
C ALA A 108 26.14 -10.53 9.37
N LEU A 109 26.12 -9.20 9.37
CA LEU A 109 26.88 -8.42 10.35
C LEU A 109 26.57 -8.83 11.78
N LEU A 110 25.29 -8.88 12.12
CA LEU A 110 24.90 -9.23 13.48
C LEU A 110 25.02 -10.71 13.81
N THR A 111 24.78 -11.57 12.82
CA THR A 111 24.90 -13.01 13.07
C THR A 111 26.36 -13.33 13.40
N ALA A 112 27.28 -12.70 12.68
CA ALA A 112 28.71 -12.91 12.89
C ALA A 112 29.16 -12.40 14.25
N ARG A 113 28.65 -11.24 14.65
CA ARG A 113 29.03 -10.66 15.92
C ARG A 113 28.41 -11.38 17.13
N LEU A 114 27.15 -11.78 17.01
CA LEU A 114 26.47 -12.46 18.11
C LEU A 114 26.73 -13.96 18.23
N GLY A 115 27.19 -14.57 17.15
CA GLY A 115 27.45 -16.01 17.20
C GLY A 115 26.19 -16.84 17.20
N ARG A 116 25.11 -16.28 16.64
CA ARG A 116 23.83 -16.97 16.56
C ARG A 116 23.05 -16.30 15.44
N PRO A 117 22.06 -17.00 14.86
CA PRO A 117 21.29 -16.37 13.78
C PRO A 117 20.56 -15.10 14.20
N VAL A 118 20.63 -14.09 13.35
CA VAL A 118 19.97 -12.81 13.60
C VAL A 118 19.24 -12.40 12.33
N GLU A 119 17.97 -12.05 12.48
CA GLU A 119 17.16 -11.62 11.35
C GLU A 119 16.56 -10.26 11.65
N VAL A 120 16.86 -9.31 10.77
CA VAL A 120 16.41 -7.94 10.91
C VAL A 120 15.12 -7.66 10.15
N ILE A 121 14.33 -6.75 10.69
CA ILE A 121 13.08 -6.34 10.08
C ILE A 121 12.95 -4.84 10.33
N ASN A 122 12.24 -4.14 9.45
CA ASN A 122 12.05 -2.71 9.65
C ASN A 122 11.37 -2.45 11.00
N ASP A 123 11.79 -1.39 11.69
CA ASP A 123 11.22 -1.08 12.99
C ASP A 123 9.71 -0.84 13.01
N ALA A 124 9.19 -0.11 12.03
CA ALA A 124 7.75 0.14 11.96
C ALA A 124 7.01 -1.16 11.64
N ASP A 125 7.59 -1.97 10.75
CA ASP A 125 6.99 -3.25 10.38
C ASP A 125 6.84 -4.13 11.62
N ALA A 126 7.87 -4.12 12.47
CA ALA A 126 7.84 -4.92 13.70
C ALA A 126 6.72 -4.42 14.60
N ALA A 127 6.61 -3.10 14.74
CA ALA A 127 5.56 -2.52 15.56
C ALA A 127 4.20 -2.94 15.00
N GLY A 128 4.09 -3.02 13.68
CA GLY A 128 2.85 -3.43 13.04
C GLY A 128 2.51 -4.88 13.34
N LEU A 129 3.50 -5.76 13.26
CA LEU A 129 3.26 -7.18 13.54
C LEU A 129 2.73 -7.32 14.96
N ALA A 130 3.34 -6.60 15.89
CA ALA A 130 2.93 -6.64 17.29
C ALA A 130 1.51 -6.13 17.47
N GLU A 131 1.17 -5.01 16.84
CA GLU A 131 -0.19 -4.45 16.97
C GLU A 131 -1.22 -5.36 16.33
N ALA A 132 -0.85 -6.00 15.23
CA ALA A 132 -1.76 -6.90 14.53
C ALA A 132 -2.07 -8.16 15.33
N ARG A 133 -1.06 -8.67 16.02
CA ARG A 133 -1.19 -9.90 16.81
C ARG A 133 -1.63 -9.72 18.25
N TYR A 134 -1.11 -8.71 18.92
CA TYR A 134 -1.41 -8.48 20.34
C TYR A 134 -2.02 -7.12 20.67
N GLY A 135 -2.12 -6.24 19.67
CA GLY A 135 -2.64 -4.90 19.94
C GLY A 135 -3.92 -4.46 19.28
N ALA A 136 -3.96 -3.18 18.93
CA ALA A 136 -5.13 -2.55 18.33
C ALA A 136 -5.55 -3.07 16.96
N GLY A 137 -4.74 -3.93 16.35
CA GLY A 137 -5.08 -4.47 15.05
C GLY A 137 -5.68 -5.87 15.09
N ALA A 138 -5.62 -6.51 16.26
CA ALA A 138 -6.14 -7.86 16.39
C ALA A 138 -7.63 -7.90 16.05
N GLY A 139 -8.01 -8.85 15.20
CA GLY A 139 -9.40 -9.00 14.83
C GLY A 139 -9.90 -8.02 13.77
N VAL A 140 -9.00 -7.19 13.24
CA VAL A 140 -9.39 -6.23 12.22
C VAL A 140 -8.90 -6.73 10.87
N LYS A 141 -9.83 -6.98 9.95
CA LYS A 141 -9.45 -7.44 8.62
C LYS A 141 -9.28 -6.24 7.71
N GLY A 142 -8.82 -6.49 6.49
CA GLY A 142 -8.62 -5.41 5.55
C GLY A 142 -7.36 -4.62 5.83
N THR A 143 -7.31 -3.42 5.30
CA THR A 143 -6.14 -2.56 5.45
C THR A 143 -6.06 -1.83 6.78
N VAL A 144 -4.97 -2.05 7.49
CA VAL A 144 -4.72 -1.41 8.78
C VAL A 144 -3.34 -0.78 8.68
N LEU A 145 -3.26 0.53 8.90
CA LEU A 145 -1.98 1.20 8.80
C LEU A 145 -1.49 1.71 10.15
N VAL A 146 -0.33 1.21 10.57
CA VAL A 146 0.26 1.61 11.83
C VAL A 146 1.30 2.68 11.50
N ILE A 147 1.03 3.91 11.94
CA ILE A 147 1.92 5.03 11.68
C ILE A 147 2.64 5.39 12.96
N THR A 148 3.97 5.34 12.96
CA THR A 148 4.73 5.68 14.15
C THR A 148 5.32 7.08 14.05
N LEU A 149 5.17 7.86 15.13
CA LEU A 149 5.68 9.23 15.16
C LEU A 149 6.84 9.33 16.14
N GLY A 150 8.03 9.63 15.61
CA GLY A 150 9.20 9.75 16.48
C GLY A 150 10.28 10.52 15.74
N THR A 151 11.50 10.00 15.74
CA THR A 151 12.61 10.66 15.05
C THR A 151 12.17 10.79 13.59
N GLY A 152 11.61 9.72 13.06
CA GLY A 152 11.12 9.75 11.69
C GLY A 152 9.68 9.30 11.76
N ILE A 153 9.03 9.15 10.60
CA ILE A 153 7.67 8.65 10.58
C ILE A 153 7.75 7.27 9.97
N GLY A 154 7.31 6.27 10.73
CA GLY A 154 7.35 4.91 10.23
C GLY A 154 5.96 4.46 9.86
N SER A 155 5.88 3.40 9.07
CA SER A 155 4.58 2.88 8.68
C SER A 155 4.63 1.38 8.45
N ALA A 156 3.68 0.67 9.06
CA ALA A 156 3.56 -0.76 8.88
C ALA A 156 2.25 -0.95 8.11
N PHE A 157 2.33 -1.58 6.95
CA PHE A 157 1.14 -1.82 6.13
C PHE A 157 0.66 -3.23 6.44
N ILE A 158 -0.50 -3.33 7.09
CA ILE A 158 -1.07 -4.62 7.45
C ILE A 158 -2.33 -4.86 6.61
N PHE A 159 -2.48 -6.05 6.06
CA PHE A 159 -3.67 -6.39 5.27
C PHE A 159 -4.15 -7.77 5.69
N ASP A 160 -5.39 -7.83 6.18
CA ASP A 160 -5.97 -9.08 6.65
C ASP A 160 -5.05 -9.71 7.71
N GLY A 161 -4.48 -8.86 8.55
CA GLY A 161 -3.61 -9.32 9.61
C GLY A 161 -2.20 -9.74 9.19
N LYS A 162 -1.89 -9.60 7.91
CA LYS A 162 -0.58 -9.98 7.40
C LYS A 162 0.24 -8.74 7.05
N LEU A 163 1.54 -8.82 7.28
CA LEU A 163 2.42 -7.68 6.97
C LEU A 163 2.78 -7.58 5.50
N VAL A 164 2.51 -6.41 4.91
CA VAL A 164 2.90 -6.10 3.54
C VAL A 164 4.17 -5.33 3.90
N PRO A 165 5.33 -5.98 3.79
CA PRO A 165 6.61 -5.36 4.14
C PRO A 165 7.14 -4.11 3.48
N ASN A 166 7.91 -3.37 4.28
CA ASN A 166 8.62 -2.17 3.87
C ASN A 166 7.86 -0.97 3.31
N ALA A 167 6.66 -0.71 3.82
CA ALA A 167 5.95 0.48 3.34
C ALA A 167 6.68 1.66 3.98
N GLU A 168 7.05 2.67 3.18
CA GLU A 168 7.77 3.84 3.70
C GLU A 168 6.92 5.10 3.58
N LEU A 169 5.73 5.07 4.15
CA LEU A 169 4.80 6.20 4.09
C LEU A 169 5.29 7.46 4.80
N GLY A 170 6.36 7.33 5.59
CA GLY A 170 6.90 8.49 6.26
C GLY A 170 7.62 9.36 5.25
N HIS A 171 7.81 8.80 4.04
CA HIS A 171 8.51 9.53 2.99
C HIS A 171 7.64 9.93 1.82
N LEU A 172 6.33 9.93 2.05
CA LEU A 172 5.41 10.39 1.04
C LEU A 172 5.72 11.88 0.99
N GLU A 173 5.53 12.51 -0.17
CA GLU A 173 5.75 13.94 -0.25
C GLU A 173 4.40 14.57 0.03
N ILE A 174 4.39 15.59 0.87
CA ILE A 174 3.14 16.27 1.19
C ILE A 174 3.42 17.77 1.29
N ASP A 175 2.67 18.53 0.49
CA ASP A 175 2.82 19.97 0.44
C ASP A 175 4.26 20.43 0.22
N GLY A 176 4.90 19.80 -0.76
CA GLY A 176 6.27 20.15 -1.12
C GLY A 176 7.41 19.61 -0.27
N HIS A 177 7.10 18.81 0.75
CA HIS A 177 8.13 18.27 1.62
C HIS A 177 8.00 16.79 1.93
N ASP A 178 9.13 16.18 2.25
CA ASP A 178 9.13 14.79 2.65
C ASP A 178 8.29 14.86 3.92
N ALA A 179 7.24 14.05 4.00
CA ALA A 179 6.32 14.08 5.15
C ALA A 179 6.94 14.16 6.53
N GLU A 180 7.90 13.29 6.83
CA GLU A 180 8.50 13.31 8.16
C GLU A 180 9.37 14.52 8.47
N THR A 181 9.84 15.23 7.45
CA THR A 181 10.66 16.40 7.72
C THR A 181 9.83 17.50 8.36
N LYS A 182 8.51 17.39 8.24
CA LYS A 182 7.61 18.37 8.82
C LYS A 182 6.69 17.84 9.92
N ALA A 183 6.39 16.55 9.89
CA ALA A 183 5.46 15.98 10.86
C ALA A 183 5.97 14.93 11.85
N SER A 184 7.28 14.69 11.89
CA SER A 184 7.81 13.72 12.85
C SER A 184 7.75 14.38 14.23
N ALA A 185 7.98 13.60 15.28
CA ALA A 185 7.94 14.14 16.63
C ALA A 185 9.06 15.17 16.77
N VAL A 186 10.18 14.91 16.10
CA VAL A 186 11.32 15.81 16.12
C VAL A 186 10.98 17.13 15.42
N ALA A 187 10.37 17.05 14.25
CA ALA A 187 10.01 18.24 13.50
C ALA A 187 9.08 19.15 14.30
N ARG A 188 8.17 18.55 15.07
CA ARG A 188 7.22 19.32 15.87
C ARG A 188 7.95 20.25 16.84
N GLU A 189 8.95 19.72 17.51
CA GLU A 189 9.72 20.50 18.48
C GLU A 189 10.61 21.52 17.79
N ARG A 190 11.27 21.10 16.71
CA ARG A 190 12.16 21.97 15.96
C ARG A 190 11.46 23.21 15.42
N ASP A 191 10.21 23.05 14.97
CA ASP A 191 9.47 24.19 14.43
C ASP A 191 8.62 24.91 15.46
N GLY A 192 8.80 24.56 16.73
CA GLY A 192 8.05 25.20 17.80
C GLY A 192 6.54 25.10 17.70
N LEU A 193 6.06 23.95 17.23
CA LEU A 193 4.63 23.73 17.07
C LEU A 193 3.91 23.33 18.35
N SER A 194 2.74 23.89 18.56
CA SER A 194 1.91 23.55 19.70
C SER A 194 1.22 22.27 19.29
N TRP A 195 0.53 21.61 20.21
CA TRP A 195 -0.16 20.37 19.86
C TRP A 195 -1.23 20.65 18.81
N ASP A 196 -1.87 21.81 18.90
CA ASP A 196 -2.91 22.16 17.94
C ASP A 196 -2.34 22.41 16.54
N GLU A 197 -1.18 23.07 16.47
CA GLU A 197 -0.56 23.33 15.19
C GLU A 197 -0.11 22.00 14.59
N TYR A 198 0.36 21.10 15.46
CA TYR A 198 0.80 19.78 15.03
C TYR A 198 -0.40 19.01 14.50
N SER A 199 -1.56 19.25 15.10
CA SER A 199 -2.80 18.59 14.68
C SER A 199 -3.14 18.94 13.24
N VAL A 200 -2.81 20.17 12.83
CA VAL A 200 -3.07 20.60 11.46
C VAL A 200 -2.25 19.74 10.51
N LEU A 201 -0.97 19.58 10.84
CA LEU A 201 -0.07 18.78 10.02
C LEU A 201 -0.53 17.32 9.96
N LEU A 202 -0.98 16.79 11.08
CA LEU A 202 -1.44 15.40 11.12
C LEU A 202 -2.75 15.24 10.38
N GLN A 203 -3.62 16.25 10.43
CA GLN A 203 -4.90 16.18 9.72
C GLN A 203 -4.59 16.04 8.24
N ARG A 204 -3.61 16.82 7.77
CA ARG A 204 -3.21 16.78 6.37
C ARG A 204 -2.62 15.43 6.02
N TYR A 205 -1.70 14.94 6.85
CA TYR A 205 -1.04 13.65 6.60
C TYR A 205 -2.03 12.49 6.59
N PHE A 206 -2.79 12.33 7.66
CA PHE A 206 -3.74 11.23 7.73
C PHE A 206 -4.86 11.30 6.71
N SER A 207 -5.35 12.50 6.39
CA SER A 207 -6.40 12.60 5.40
C SER A 207 -5.84 12.24 4.02
N HIS A 208 -4.58 12.57 3.78
CA HIS A 208 -3.96 12.23 2.51
C HIS A 208 -3.79 10.72 2.39
N VAL A 209 -3.25 10.10 3.45
CA VAL A 209 -3.04 8.66 3.45
C VAL A 209 -4.39 7.92 3.39
N GLU A 210 -5.39 8.52 4.00
CA GLU A 210 -6.74 7.97 4.02
C GLU A 210 -7.26 7.90 2.58
N PHE A 211 -6.98 8.96 1.81
CA PHE A 211 -7.41 8.98 0.42
C PHE A 211 -6.62 7.96 -0.40
N LEU A 212 -5.34 7.80 -0.08
CA LEU A 212 -4.49 6.86 -0.79
C LEU A 212 -4.86 5.40 -0.58
N PHE A 213 -5.32 5.03 0.62
CA PHE A 213 -5.62 3.62 0.89
C PHE A 213 -6.94 3.23 1.53
N SER A 214 -7.79 4.19 1.87
CA SER A 214 -9.08 3.88 2.50
C SER A 214 -8.92 2.77 3.54
N PRO A 215 -8.07 2.99 4.55
CA PRO A 215 -7.89 1.95 5.55
C PRO A 215 -9.08 1.73 6.47
N GLU A 216 -9.11 0.56 7.08
CA GLU A 216 -10.17 0.21 8.02
C GLU A 216 -9.84 0.86 9.36
N LEU A 217 -8.56 1.09 9.60
CA LEU A 217 -8.11 1.65 10.87
C LEU A 217 -6.71 2.23 10.80
N PHE A 218 -6.48 3.28 11.58
CA PHE A 218 -5.17 3.92 11.70
C PHE A 218 -4.77 3.65 13.14
N ILE A 219 -3.53 3.22 13.36
CA ILE A 219 -3.04 2.99 14.72
C ILE A 219 -1.80 3.86 14.83
N VAL A 220 -1.79 4.77 15.80
CA VAL A 220 -0.65 5.66 15.97
C VAL A 220 0.33 5.18 17.02
N GLY A 221 1.56 4.93 16.57
CA GLY A 221 2.60 4.47 17.47
C GLY A 221 3.68 5.52 17.65
N GLY A 222 4.82 5.09 18.19
CA GLY A 222 5.91 6.02 18.42
C GLY A 222 5.81 6.62 19.82
N GLY A 223 6.92 7.18 20.29
CA GLY A 223 6.94 7.77 21.61
C GLY A 223 5.80 8.71 21.97
N ILE A 224 5.56 9.72 21.14
CA ILE A 224 4.51 10.68 21.44
C ILE A 224 3.08 10.19 21.24
N SER A 225 2.90 8.92 20.90
CA SER A 225 1.55 8.41 20.75
C SER A 225 0.94 8.40 22.15
N LYS A 226 1.80 8.55 23.16
CA LYS A 226 1.35 8.57 24.55
C LYS A 226 0.64 9.89 24.82
N ARG A 227 0.79 10.85 23.91
CA ARG A 227 0.15 12.15 24.04
C ARG A 227 -0.94 12.29 22.99
N ALA A 228 -1.40 11.16 22.47
CA ALA A 228 -2.44 11.15 21.44
C ALA A 228 -3.68 11.95 21.81
N ASP A 229 -4.02 12.00 23.09
CA ASP A 229 -5.21 12.73 23.52
C ASP A 229 -5.08 14.23 23.25
N GLU A 230 -3.86 14.68 22.97
CA GLU A 230 -3.60 16.09 22.70
C GLU A 230 -3.81 16.48 21.24
N TYR A 231 -3.92 15.50 20.34
CA TYR A 231 -4.10 15.82 18.93
C TYR A 231 -5.13 14.99 18.17
N LEU A 232 -5.28 13.72 18.51
CA LEU A 232 -6.25 12.88 17.80
C LEU A 232 -7.67 13.45 17.90
N PRO A 233 -8.06 13.95 19.08
CA PRO A 233 -9.42 14.51 19.22
C PRO A 233 -9.71 15.65 18.25
N ASN A 234 -8.67 16.35 17.79
CA ASN A 234 -8.84 17.47 16.86
C ASN A 234 -9.00 17.04 15.40
N LEU A 235 -8.63 15.80 15.10
CA LEU A 235 -8.72 15.33 13.73
C LEU A 235 -10.13 15.02 13.28
N ARG A 236 -10.37 15.15 11.98
CA ARG A 236 -11.67 14.88 11.38
C ARG A 236 -11.42 13.96 10.20
N LEU A 237 -11.39 12.67 10.47
CA LEU A 237 -11.13 11.67 9.46
C LEU A 237 -12.30 10.71 9.28
N ARG A 238 -12.34 10.04 8.14
CA ARG A 238 -13.40 9.08 7.87
C ARG A 238 -12.96 7.74 8.45
N THR A 239 -11.67 7.65 8.78
CA THR A 239 -11.09 6.43 9.33
C THR A 239 -10.89 6.50 10.84
N PRO A 240 -11.32 5.46 11.57
CA PRO A 240 -11.12 5.51 13.02
C PRO A 240 -9.62 5.52 13.27
N ILE A 241 -9.19 6.25 14.29
CA ILE A 241 -7.76 6.34 14.60
C ILE A 241 -7.56 6.22 16.09
N VAL A 242 -6.70 5.29 16.48
CA VAL A 242 -6.42 5.04 17.89
C VAL A 242 -4.94 4.87 18.17
N PRO A 243 -4.52 5.13 19.40
CA PRO A 243 -3.10 4.96 19.72
C PRO A 243 -2.76 3.48 19.81
N ALA A 244 -1.50 3.16 19.59
CA ALA A 244 -1.02 1.78 19.66
C ALA A 244 -1.08 1.24 21.09
N VAL A 245 -1.33 -0.06 21.21
CA VAL A 245 -1.39 -0.73 22.50
C VAL A 245 0.04 -0.88 23.05
N LEU A 246 0.94 -1.33 22.20
CA LEU A 246 2.34 -1.48 22.58
C LEU A 246 3.07 -0.23 22.10
N ARG A 247 3.98 0.29 22.92
CA ARG A 247 4.72 1.48 22.54
C ARG A 247 6.21 1.25 22.79
N ASN A 248 6.59 1.22 24.06
CA ASN A 248 7.98 1.01 24.40
C ASN A 248 8.48 -0.37 24.01
N GLU A 249 7.58 -1.35 23.95
CA GLU A 249 7.98 -2.72 23.62
C GLU A 249 7.50 -3.24 22.25
N ALA A 250 6.88 -2.38 21.46
CA ALA A 250 6.35 -2.80 20.15
C ALA A 250 7.40 -3.38 19.21
N GLY A 251 8.54 -2.72 19.10
CA GLY A 251 9.60 -3.19 18.21
C GLY A 251 10.20 -4.51 18.69
N ILE A 252 10.45 -4.59 19.99
CA ILE A 252 11.01 -5.79 20.59
C ILE A 252 10.11 -7.00 20.33
N VAL A 253 8.82 -6.84 20.63
CA VAL A 253 7.87 -7.92 20.43
C VAL A 253 7.72 -8.27 18.97
N GLY A 254 7.60 -7.25 18.12
CA GLY A 254 7.46 -7.50 16.70
C GLY A 254 8.65 -8.22 16.10
N ALA A 255 9.85 -7.94 16.60
CA ALA A 255 11.05 -8.59 16.09
C ALA A 255 11.00 -10.09 16.41
N ALA A 256 10.49 -10.43 17.58
CA ALA A 256 10.39 -11.82 18.00
C ALA A 256 9.34 -12.52 17.14
N ILE A 257 8.21 -11.84 16.91
CA ILE A 257 7.15 -12.40 16.08
C ILE A 257 7.71 -12.79 14.71
N GLU A 258 8.48 -11.89 14.10
CA GLU A 258 9.05 -12.16 12.79
C GLU A 258 9.89 -13.43 12.78
N ILE A 259 10.70 -13.63 13.82
CA ILE A 259 11.52 -14.84 13.90
C ILE A 259 10.61 -16.06 13.82
N ALA A 260 9.59 -16.06 14.68
CA ALA A 260 8.63 -17.14 14.75
C ALA A 260 7.96 -17.41 13.41
N LEU A 261 7.50 -16.35 12.75
CA LEU A 261 6.85 -16.50 11.45
C LEU A 261 7.80 -17.09 10.43
N GLN A 262 9.03 -16.58 10.40
CA GLN A 262 10.03 -17.07 9.45
C GLN A 262 10.38 -18.52 9.73
N HIS A 263 10.55 -18.87 11.00
CA HIS A 263 10.87 -20.23 11.39
C HIS A 263 9.59 -21.06 11.55
N ASN B 11 -19.28 -23.13 -16.54
CA ASN B 11 -19.96 -21.90 -16.04
C ASN B 11 -20.41 -21.00 -17.18
N ALA B 12 -21.23 -20.02 -16.86
CA ALA B 12 -21.75 -19.08 -17.86
C ALA B 12 -20.94 -17.78 -17.87
N PRO B 13 -20.91 -17.10 -19.02
CA PRO B 13 -20.18 -15.83 -19.15
C PRO B 13 -20.89 -14.71 -18.40
N LEU B 14 -20.18 -13.61 -18.19
CA LEU B 14 -20.74 -12.45 -17.50
C LEU B 14 -20.33 -11.18 -18.22
N ILE B 15 -21.23 -10.20 -18.25
CA ILE B 15 -20.93 -8.94 -18.91
C ILE B 15 -20.10 -8.05 -18.00
N GLY B 16 -19.04 -7.47 -18.57
CA GLY B 16 -18.17 -6.57 -17.82
C GLY B 16 -18.15 -5.24 -18.55
N ILE B 17 -18.31 -4.15 -17.80
CA ILE B 17 -18.32 -2.80 -18.38
C ILE B 17 -17.19 -1.97 -17.77
N ASP B 18 -16.45 -1.26 -18.63
CA ASP B 18 -15.36 -0.42 -18.17
C ASP B 18 -15.65 1.04 -18.53
N ILE B 19 -15.85 1.87 -17.51
CA ILE B 19 -16.16 3.28 -17.72
C ILE B 19 -14.88 4.11 -17.82
N GLY B 20 -14.63 4.64 -19.01
CA GLY B 20 -13.43 5.44 -19.24
C GLY B 20 -13.74 6.90 -19.51
N GLY B 21 -12.69 7.71 -19.62
CA GLY B 21 -12.87 9.13 -19.87
C GLY B 21 -13.34 9.50 -21.25
N THR B 22 -13.07 8.64 -22.23
CA THR B 22 -13.48 8.91 -23.61
C THR B 22 -14.51 7.93 -24.13
N GLY B 23 -14.48 6.71 -23.60
CA GLY B 23 -15.43 5.70 -24.04
C GLY B 23 -15.82 4.70 -22.98
N ILE B 24 -17.04 4.20 -23.09
CA ILE B 24 -17.55 3.21 -22.15
C ILE B 24 -17.60 1.91 -22.96
N LYS B 25 -16.76 0.96 -22.58
CA LYS B 25 -16.64 -0.30 -23.30
C LYS B 25 -17.17 -1.48 -22.51
N GLY B 26 -17.75 -2.44 -23.21
CA GLY B 26 -18.28 -3.62 -22.57
C GLY B 26 -17.95 -4.88 -23.35
N GLY B 27 -18.05 -6.02 -22.68
CA GLY B 27 -17.77 -7.27 -23.32
C GLY B 27 -18.33 -8.44 -22.52
N ILE B 28 -18.60 -9.54 -23.21
CA ILE B 28 -19.11 -10.74 -22.57
C ILE B 28 -17.87 -11.54 -22.20
N VAL B 29 -17.67 -11.74 -20.91
CA VAL B 29 -16.49 -12.43 -20.44
C VAL B 29 -16.62 -13.89 -20.04
N ASP B 30 -15.73 -14.71 -20.57
CA ASP B 30 -15.69 -16.13 -20.23
C ASP B 30 -14.58 -16.20 -19.18
N LEU B 31 -14.96 -16.42 -17.93
CA LEU B 31 -14.00 -16.48 -16.84
C LEU B 31 -13.11 -17.72 -16.85
N LYS B 32 -13.47 -18.71 -17.66
CA LYS B 32 -12.67 -19.93 -17.74
C LYS B 32 -11.39 -19.63 -18.50
N LYS B 33 -11.48 -18.76 -19.51
CA LYS B 33 -10.33 -18.41 -20.32
C LYS B 33 -9.84 -16.98 -20.06
N GLY B 34 -10.68 -16.19 -19.40
CA GLY B 34 -10.31 -14.82 -19.12
C GLY B 34 -10.27 -14.02 -20.42
N LYS B 35 -11.19 -14.34 -21.32
CA LYS B 35 -11.27 -13.66 -22.60
C LYS B 35 -12.72 -13.30 -22.93
N LEU B 36 -12.90 -12.33 -23.80
CA LEU B 36 -14.23 -11.90 -24.22
C LEU B 36 -14.77 -12.78 -25.33
N LEU B 37 -16.04 -13.15 -25.22
CA LEU B 37 -16.68 -13.97 -26.24
C LEU B 37 -17.17 -12.99 -27.30
N GLY B 38 -16.58 -13.05 -28.48
CA GLY B 38 -16.95 -12.14 -29.54
C GLY B 38 -16.18 -10.84 -29.36
N GLU B 39 -16.66 -9.77 -29.98
CA GLU B 39 -15.98 -8.48 -29.88
C GLU B 39 -16.53 -7.62 -28.75
N ARG B 40 -15.76 -6.62 -28.36
CA ARG B 40 -16.17 -5.71 -27.30
C ARG B 40 -17.02 -4.63 -27.97
N PHE B 41 -17.95 -4.06 -27.22
CA PHE B 41 -18.81 -3.00 -27.76
C PHE B 41 -18.50 -1.71 -27.04
N ARG B 42 -18.23 -0.65 -27.79
CA ARG B 42 -17.90 0.64 -27.21
C ARG B 42 -18.78 1.79 -27.68
N VAL B 43 -19.03 2.72 -26.76
CA VAL B 43 -19.82 3.92 -27.05
C VAL B 43 -19.06 5.08 -26.42
N PRO B 44 -19.19 6.28 -27.00
CA PRO B 44 -18.50 7.45 -26.45
C PRO B 44 -18.98 7.77 -25.03
N THR B 45 -18.08 8.33 -24.22
CA THR B 45 -18.43 8.70 -22.87
C THR B 45 -19.18 10.03 -22.88
N PRO B 46 -20.39 10.06 -22.29
CA PRO B 46 -21.22 11.27 -22.23
C PRO B 46 -20.46 12.50 -21.75
N GLN B 47 -20.78 13.65 -22.32
CA GLN B 47 -20.12 14.90 -21.96
C GLN B 47 -21.14 15.96 -21.53
N PRO B 48 -21.14 16.33 -20.24
CA PRO B 48 -20.25 15.81 -19.21
C PRO B 48 -20.64 14.40 -18.75
N ALA B 49 -19.73 13.73 -18.05
CA ALA B 49 -19.99 12.39 -17.56
C ALA B 49 -20.69 12.44 -16.21
N THR B 50 -22.01 12.60 -16.24
CA THR B 50 -22.81 12.66 -15.03
C THR B 50 -23.45 11.30 -14.75
N PRO B 51 -23.95 11.09 -13.52
CA PRO B 51 -24.58 9.82 -13.17
C PRO B 51 -25.68 9.44 -14.14
N GLU B 52 -26.52 10.42 -14.48
CA GLU B 52 -27.63 10.21 -15.40
C GLU B 52 -27.16 9.81 -16.81
N SER B 53 -26.31 10.63 -17.40
CA SER B 53 -25.81 10.35 -18.75
C SER B 53 -25.02 9.05 -18.82
N VAL B 54 -24.16 8.82 -17.84
CA VAL B 54 -23.36 7.59 -17.82
C VAL B 54 -24.24 6.35 -17.68
N ALA B 55 -25.27 6.44 -16.85
CA ALA B 55 -26.17 5.33 -16.65
C ALA B 55 -26.81 4.95 -17.99
N GLU B 56 -27.20 5.96 -18.77
CA GLU B 56 -27.80 5.72 -20.07
C GLU B 56 -26.82 5.04 -21.01
N ALA B 57 -25.58 5.52 -21.02
CA ALA B 57 -24.54 4.95 -21.86
C ALA B 57 -24.27 3.49 -21.48
N VAL B 58 -24.18 3.23 -20.17
CA VAL B 58 -23.95 1.88 -19.70
C VAL B 58 -25.11 0.98 -20.11
N ALA B 59 -26.33 1.50 -19.98
CA ALA B 59 -27.52 0.74 -20.36
C ALA B 59 -27.47 0.35 -21.84
N LEU B 60 -27.01 1.27 -22.67
CA LEU B 60 -26.92 1.02 -24.11
C LEU B 60 -25.95 -0.12 -24.41
N VAL B 61 -24.76 -0.07 -23.79
CA VAL B 61 -23.77 -1.11 -24.00
C VAL B 61 -24.28 -2.46 -23.53
N VAL B 62 -24.93 -2.48 -22.37
CA VAL B 62 -25.46 -3.72 -21.82
C VAL B 62 -26.56 -4.28 -22.71
N ALA B 63 -27.41 -3.41 -23.23
CA ALA B 63 -28.50 -3.83 -24.11
C ALA B 63 -27.93 -4.50 -25.35
N GLU B 64 -26.91 -3.88 -25.94
CA GLU B 64 -26.27 -4.41 -27.13
C GLU B 64 -25.71 -5.81 -26.89
N LEU B 65 -24.90 -5.95 -25.85
CA LEU B 65 -24.31 -7.23 -25.52
C LEU B 65 -25.37 -8.29 -25.16
N SER B 66 -26.40 -7.85 -24.44
CA SER B 66 -27.47 -8.76 -24.03
C SER B 66 -28.25 -9.35 -25.19
N ALA B 67 -28.14 -8.72 -26.35
CA ALA B 67 -28.87 -9.20 -27.54
C ALA B 67 -28.07 -10.19 -28.38
N ARG B 68 -26.80 -10.39 -28.03
CA ARG B 68 -25.96 -11.31 -28.78
C ARG B 68 -26.22 -12.76 -28.42
N PRO B 69 -25.93 -13.69 -29.37
CA PRO B 69 -26.12 -15.13 -29.18
C PRO B 69 -25.42 -15.69 -27.95
N GLU B 70 -24.17 -15.25 -27.74
CA GLU B 70 -23.37 -15.72 -26.62
C GLU B 70 -23.63 -14.94 -25.33
N ALA B 71 -24.69 -14.15 -25.32
CA ALA B 71 -25.02 -13.36 -24.14
C ALA B 71 -25.49 -14.24 -22.99
N PRO B 72 -25.20 -13.83 -21.73
CA PRO B 72 -25.61 -14.60 -20.56
C PRO B 72 -27.10 -14.40 -20.29
N ALA B 73 -27.61 -15.04 -19.24
CA ALA B 73 -29.02 -14.93 -18.88
C ALA B 73 -29.42 -13.45 -18.77
N ALA B 74 -30.67 -13.16 -19.13
CA ALA B 74 -31.19 -11.80 -19.10
C ALA B 74 -31.06 -11.12 -17.72
N GLY B 75 -31.18 -11.90 -16.66
CA GLY B 75 -31.09 -11.34 -15.33
C GLY B 75 -29.76 -11.52 -14.63
N SER B 76 -28.75 -11.97 -15.36
CA SER B 76 -27.42 -12.17 -14.77
C SER B 76 -26.82 -10.86 -14.28
N PRO B 77 -26.02 -10.90 -13.20
CA PRO B 77 -25.39 -9.70 -12.65
C PRO B 77 -24.35 -9.13 -13.61
N VAL B 78 -24.17 -7.81 -13.56
CA VAL B 78 -23.22 -7.13 -14.43
C VAL B 78 -22.15 -6.42 -13.61
N GLY B 79 -20.90 -6.57 -14.04
CA GLY B 79 -19.79 -5.92 -13.36
C GLY B 79 -19.45 -4.61 -14.09
N VAL B 80 -19.22 -3.54 -13.34
CA VAL B 80 -18.91 -2.24 -13.93
C VAL B 80 -17.76 -1.57 -13.18
N THR B 81 -16.87 -0.91 -13.92
CA THR B 81 -15.76 -0.21 -13.28
C THR B 81 -16.10 1.28 -13.22
N PHE B 82 -15.37 1.99 -12.36
CA PHE B 82 -15.55 3.43 -12.20
C PHE B 82 -14.22 4.01 -11.74
N PRO B 83 -13.80 5.13 -12.32
CA PRO B 83 -12.53 5.79 -11.97
C PRO B 83 -12.54 6.54 -10.64
N GLY B 84 -12.74 5.80 -9.56
CA GLY B 84 -12.75 6.42 -8.25
C GLY B 84 -12.83 5.40 -7.14
N ILE B 85 -12.69 5.88 -5.90
CA ILE B 85 -12.77 5.00 -4.73
C ILE B 85 -14.20 4.47 -4.60
N ILE B 86 -14.34 3.16 -4.47
CA ILE B 86 -15.64 2.53 -4.32
C ILE B 86 -15.72 1.75 -3.00
N GLN B 87 -16.65 2.15 -2.15
CA GLN B 87 -16.84 1.48 -0.87
C GLN B 87 -18.32 1.16 -0.70
N HIS B 88 -18.62 -0.12 -0.55
CA HIS B 88 -19.99 -0.59 -0.40
C HIS B 88 -20.88 -0.02 -1.50
N GLY B 89 -20.34 -0.01 -2.72
CA GLY B 89 -21.10 0.48 -3.87
C GLY B 89 -21.29 1.98 -3.98
N VAL B 90 -20.62 2.74 -3.11
CA VAL B 90 -20.73 4.20 -3.13
C VAL B 90 -19.43 4.84 -3.61
N VAL B 91 -19.55 5.90 -4.40
CA VAL B 91 -18.40 6.61 -4.92
C VAL B 91 -17.87 7.61 -3.90
N HIS B 92 -16.57 7.54 -3.61
CA HIS B 92 -15.96 8.46 -2.65
C HIS B 92 -14.91 9.39 -3.24
N SER B 93 -14.72 9.32 -4.56
CA SER B 93 -13.78 10.20 -5.25
C SER B 93 -14.20 10.27 -6.71
N ALA B 94 -13.98 11.43 -7.33
CA ALA B 94 -14.36 11.65 -8.72
C ALA B 94 -13.38 12.62 -9.35
N ALA B 95 -12.09 12.27 -9.27
CA ALA B 95 -11.02 13.12 -9.79
C ALA B 95 -11.21 13.67 -11.19
N ASN B 96 -11.57 12.81 -12.14
CA ASN B 96 -11.74 13.25 -13.52
C ASN B 96 -13.12 13.03 -14.13
N VAL B 97 -14.14 13.05 -13.28
CA VAL B 97 -15.52 12.89 -13.71
C VAL B 97 -16.33 13.94 -12.98
N ASP B 98 -17.60 14.09 -13.36
CA ASP B 98 -18.44 15.10 -12.71
C ASP B 98 -18.47 14.91 -11.20
N LYS B 99 -18.31 15.99 -10.46
CA LYS B 99 -18.30 15.94 -9.02
C LYS B 99 -19.62 15.54 -8.37
N SER B 100 -20.69 15.50 -9.17
CA SER B 100 -21.99 15.09 -8.64
C SER B 100 -21.95 13.60 -8.30
N TRP B 101 -20.90 12.92 -8.79
CA TRP B 101 -20.73 11.50 -8.54
C TRP B 101 -20.41 11.21 -7.07
N LEU B 102 -19.82 12.19 -6.39
CA LEU B 102 -19.45 12.01 -4.99
C LEU B 102 -20.63 11.61 -4.12
N ASN B 103 -20.45 10.54 -3.35
CA ASN B 103 -21.46 10.01 -2.45
C ASN B 103 -22.65 9.35 -3.14
N THR B 104 -22.51 9.08 -4.42
CA THR B 104 -23.56 8.44 -5.20
C THR B 104 -23.47 6.92 -5.02
N ASP B 105 -24.59 6.29 -4.70
CA ASP B 105 -24.61 4.83 -4.58
C ASP B 105 -24.71 4.37 -6.01
N ILE B 106 -23.55 4.19 -6.66
CA ILE B 106 -23.53 3.78 -8.06
C ILE B 106 -24.04 2.36 -8.27
N ASP B 107 -23.85 1.48 -7.28
CA ASP B 107 -24.36 0.12 -7.39
C ASP B 107 -25.88 0.17 -7.55
N ALA B 108 -26.52 1.00 -6.72
CA ALA B 108 -27.97 1.12 -6.77
C ALA B 108 -28.41 1.85 -8.03
N LEU B 109 -27.66 2.88 -8.41
CA LEU B 109 -27.97 3.65 -9.60
C LEU B 109 -28.04 2.76 -10.84
N LEU B 110 -26.98 2.01 -11.08
CA LEU B 110 -26.91 1.14 -12.25
C LEU B 110 -27.82 -0.08 -12.15
N THR B 111 -27.99 -0.62 -10.95
CA THR B 111 -28.87 -1.76 -10.77
C THR B 111 -30.29 -1.36 -11.15
N ALA B 112 -30.68 -0.16 -10.72
CA ALA B 112 -32.01 0.35 -11.01
C ALA B 112 -32.21 0.61 -12.49
N ARG B 113 -31.20 1.19 -13.14
CA ARG B 113 -31.30 1.50 -14.56
C ARG B 113 -31.28 0.26 -15.46
N LEU B 114 -30.47 -0.73 -15.10
CA LEU B 114 -30.36 -1.94 -15.91
C LEU B 114 -31.38 -3.04 -15.59
N GLY B 115 -32.05 -2.92 -14.44
CA GLY B 115 -33.02 -3.92 -14.07
C GLY B 115 -32.39 -5.26 -13.74
N ARG B 116 -31.14 -5.22 -13.28
CA ARG B 116 -30.41 -6.43 -12.92
C ARG B 116 -29.31 -6.06 -11.94
N PRO B 117 -28.87 -7.00 -11.10
CA PRO B 117 -27.82 -6.71 -10.12
C PRO B 117 -26.55 -6.17 -10.78
N VAL B 118 -26.06 -5.05 -10.27
CA VAL B 118 -24.85 -4.43 -10.76
C VAL B 118 -23.92 -4.16 -9.60
N GLU B 119 -22.65 -4.47 -9.79
CA GLU B 119 -21.65 -4.22 -8.76
C GLU B 119 -20.48 -3.49 -9.41
N VAL B 120 -20.10 -2.38 -8.78
CA VAL B 120 -19.03 -1.54 -9.27
C VAL B 120 -17.74 -1.72 -8.49
N ILE B 121 -16.63 -1.60 -9.19
CA ILE B 121 -15.31 -1.72 -8.59
C ILE B 121 -14.44 -0.67 -9.27
N ASN B 122 -13.41 -0.18 -8.58
CA ASN B 122 -12.53 0.81 -9.18
C ASN B 122 -11.96 0.23 -10.47
N ASP B 123 -11.78 1.07 -11.48
CA ASP B 123 -11.26 0.60 -12.76
C ASP B 123 -9.86 0.02 -12.71
N ALA B 124 -8.98 0.62 -11.92
CA ALA B 124 -7.62 0.09 -11.82
C ALA B 124 -7.66 -1.22 -11.04
N ASP B 125 -8.48 -1.26 -9.99
CA ASP B 125 -8.62 -2.47 -9.18
C ASP B 125 -9.07 -3.63 -10.06
N ALA B 126 -10.00 -3.35 -10.97
CA ALA B 126 -10.49 -4.38 -11.90
C ALA B 126 -9.33 -4.88 -12.77
N ALA B 127 -8.55 -3.95 -13.33
CA ALA B 127 -7.41 -4.33 -14.15
C ALA B 127 -6.47 -5.20 -13.32
N GLY B 128 -6.34 -4.86 -12.04
CA GLY B 128 -5.48 -5.64 -11.14
C GLY B 128 -6.00 -7.06 -10.93
N LEU B 129 -7.30 -7.20 -10.72
CA LEU B 129 -7.88 -8.52 -10.52
C LEU B 129 -7.59 -9.37 -11.76
N ALA B 130 -7.76 -8.76 -12.93
CA ALA B 130 -7.53 -9.44 -14.20
C ALA B 130 -6.08 -9.86 -14.38
N GLU B 131 -5.14 -8.95 -14.11
CA GLU B 131 -3.72 -9.26 -14.27
C GLU B 131 -3.24 -10.29 -13.25
N ALA B 132 -3.79 -10.23 -12.05
CA ALA B 132 -3.42 -11.18 -11.00
C ALA B 132 -3.93 -12.59 -11.29
N ARG B 133 -5.07 -12.68 -11.96
CA ARG B 133 -5.66 -13.98 -12.26
C ARG B 133 -5.30 -14.56 -13.63
N TYR B 134 -5.30 -13.71 -14.66
CA TYR B 134 -5.02 -14.16 -16.02
C TYR B 134 -3.79 -13.53 -16.67
N GLY B 135 -3.20 -12.52 -16.03
CA GLY B 135 -2.07 -11.86 -16.65
C GLY B 135 -0.70 -11.89 -16.02
N ALA B 136 0.00 -10.76 -16.06
CA ALA B 136 1.35 -10.62 -15.54
C ALA B 136 1.53 -10.82 -14.04
N GLY B 137 0.43 -10.89 -13.29
CA GLY B 137 0.54 -11.07 -11.86
C GLY B 137 0.36 -12.52 -11.43
N ALA B 138 -0.05 -13.37 -12.35
CA ALA B 138 -0.27 -14.78 -12.03
C ALA B 138 1.01 -15.45 -11.54
N GLY B 139 0.92 -16.14 -10.42
CA GLY B 139 2.07 -16.84 -9.87
C GLY B 139 3.14 -15.97 -9.24
N VAL B 140 2.85 -14.69 -9.04
CA VAL B 140 3.82 -13.79 -8.43
C VAL B 140 3.38 -13.47 -7.01
N LYS B 141 4.21 -13.83 -6.04
CA LYS B 141 3.87 -13.56 -4.64
C LYS B 141 4.35 -12.18 -4.24
N GLY B 142 3.97 -11.76 -3.04
CA GLY B 142 4.39 -10.45 -2.55
C GLY B 142 3.63 -9.30 -3.16
N THR B 143 4.23 -8.13 -3.11
CA THR B 143 3.62 -6.91 -3.61
C THR B 143 3.76 -6.71 -5.11
N VAL B 144 2.63 -6.64 -5.80
CA VAL B 144 2.60 -6.42 -7.24
C VAL B 144 1.75 -5.18 -7.48
N LEU B 145 2.33 -4.20 -8.17
CA LEU B 145 1.60 -2.95 -8.41
C LEU B 145 1.26 -2.74 -9.88
N VAL B 146 -0.03 -2.65 -10.16
CA VAL B 146 -0.51 -2.42 -11.51
C VAL B 146 -0.80 -0.93 -11.60
N ILE B 147 -0.07 -0.24 -12.45
CA ILE B 147 -0.22 1.20 -12.63
C ILE B 147 -0.81 1.43 -14.00
N THR B 148 -1.97 2.07 -14.05
CA THR B 148 -2.62 2.33 -15.33
C THR B 148 -2.40 3.78 -15.76
N LEU B 149 -2.03 3.96 -17.01
CA LEU B 149 -1.76 5.29 -17.55
C LEU B 149 -2.81 5.64 -18.60
N GLY B 150 -3.58 6.70 -18.33
CA GLY B 150 -4.62 7.13 -19.26
C GLY B 150 -5.07 8.53 -18.91
N THR B 151 -6.38 8.74 -18.78
CA THR B 151 -6.90 10.05 -18.42
C THR B 151 -6.33 10.42 -17.05
N GLY B 152 -6.23 9.42 -16.19
CA GLY B 152 -5.67 9.63 -14.88
C GLY B 152 -4.66 8.51 -14.66
N ILE B 153 -4.06 8.44 -13.47
CA ILE B 153 -3.14 7.36 -13.17
C ILE B 153 -3.85 6.50 -12.14
N GLY B 154 -4.08 5.25 -12.47
CA GLY B 154 -4.75 4.35 -11.57
C GLY B 154 -3.74 3.38 -10.99
N SER B 155 -4.12 2.69 -9.93
CA SER B 155 -3.22 1.72 -9.32
C SER B 155 -3.99 0.62 -8.62
N ALA B 156 -3.59 -0.61 -8.87
CA ALA B 156 -4.19 -1.76 -8.21
C ALA B 156 -3.05 -2.29 -7.34
N PHE B 157 -3.30 -2.42 -6.05
CA PHE B 157 -2.30 -2.92 -5.11
C PHE B 157 -2.63 -4.39 -4.88
N ILE B 158 -1.73 -5.26 -5.33
CA ILE B 158 -1.92 -6.71 -5.20
C ILE B 158 -0.90 -7.28 -4.22
N PHE B 159 -1.34 -8.07 -3.25
CA PHE B 159 -0.41 -8.70 -2.32
C PHE B 159 -0.71 -10.19 -2.22
N ASP B 160 0.29 -11.01 -2.57
CA ASP B 160 0.12 -12.45 -2.55
C ASP B 160 -1.11 -12.84 -3.36
N GLY B 161 -1.25 -12.20 -4.53
CA GLY B 161 -2.37 -12.49 -5.40
C GLY B 161 -3.72 -11.92 -5.02
N LYS B 162 -3.80 -11.27 -3.86
CA LYS B 162 -5.07 -10.70 -3.42
C LYS B 162 -5.09 -9.18 -3.55
N LEU B 163 -6.24 -8.65 -3.95
CA LEU B 163 -6.40 -7.21 -4.11
C LEU B 163 -6.54 -6.47 -2.79
N VAL B 164 -5.69 -5.47 -2.60
CA VAL B 164 -5.73 -4.58 -1.44
C VAL B 164 -6.48 -3.45 -2.12
N PRO B 165 -7.79 -3.36 -1.89
CA PRO B 165 -8.66 -2.36 -2.50
C PRO B 165 -8.42 -0.87 -2.38
N ASN B 166 -8.85 -0.19 -3.45
CA ASN B 166 -8.82 1.27 -3.54
C ASN B 166 -7.52 2.04 -3.35
N ALA B 167 -6.40 1.48 -3.79
CA ALA B 167 -5.14 2.22 -3.69
C ALA B 167 -5.24 3.35 -4.72
N GLU B 168 -4.91 4.57 -4.32
CA GLU B 168 -5.00 5.71 -5.24
C GLU B 168 -3.62 6.33 -5.44
N LEU B 169 -2.66 5.52 -5.86
CA LEU B 169 -1.30 5.99 -6.04
C LEU B 169 -1.12 6.97 -7.18
N GLY B 170 -2.17 7.20 -7.95
CA GLY B 170 -2.08 8.16 -9.04
C GLY B 170 -2.14 9.54 -8.44
N HIS B 171 -2.52 9.61 -7.16
CA HIS B 171 -2.62 10.88 -6.48
C HIS B 171 -1.53 11.12 -5.45
N LEU B 172 -0.43 10.41 -5.61
CA LEU B 172 0.73 10.62 -4.76
C LEU B 172 1.23 11.99 -5.18
N GLU B 173 1.83 12.73 -4.26
CA GLU B 173 2.36 14.05 -4.58
C GLU B 173 3.81 13.84 -4.99
N ILE B 174 4.22 14.42 -6.12
CA ILE B 174 5.59 14.30 -6.60
C ILE B 174 6.06 15.63 -7.18
N ASP B 175 7.15 16.16 -6.64
CA ASP B 175 7.71 17.42 -7.10
C ASP B 175 6.68 18.55 -7.09
N GLY B 176 5.88 18.59 -6.02
CA GLY B 176 4.89 19.63 -5.87
C GLY B 176 3.59 19.49 -6.63
N HIS B 177 3.43 18.38 -7.34
CA HIS B 177 2.22 18.15 -8.11
C HIS B 177 1.52 16.83 -7.78
N ASP B 178 0.22 16.81 -8.03
CA ASP B 178 -0.54 15.58 -7.88
C ASP B 178 0.06 14.80 -9.05
N ALA B 179 0.61 13.62 -8.79
CA ALA B 179 1.27 12.85 -9.83
C ALA B 179 0.60 12.76 -11.20
N GLU B 180 -0.68 12.41 -11.22
CA GLU B 180 -1.36 12.25 -12.50
C GLU B 180 -1.58 13.54 -13.28
N THR B 181 -1.56 14.68 -12.59
CA THR B 181 -1.76 15.94 -13.30
C THR B 181 -0.57 16.23 -14.21
N LYS B 182 0.53 15.52 -13.98
CA LYS B 182 1.73 15.71 -14.78
C LYS B 182 2.17 14.48 -15.57
N ALA B 183 1.85 13.29 -15.05
CA ALA B 183 2.30 12.06 -15.70
C ALA B 183 1.25 11.11 -16.28
N SER B 184 -0.03 11.51 -16.31
CA SER B 184 -1.04 10.63 -16.90
C SER B 184 -0.83 10.67 -18.41
N ALA B 185 -1.54 9.81 -19.15
CA ALA B 185 -1.39 9.79 -20.59
C ALA B 185 -1.92 11.11 -21.15
N VAL B 186 -3.01 11.60 -20.58
CA VAL B 186 -3.61 12.87 -21.01
C VAL B 186 -2.68 14.05 -20.72
N ALA B 187 -2.10 14.09 -19.53
CA ALA B 187 -1.20 15.18 -19.16
C ALA B 187 -0.05 15.27 -20.14
N ARG B 188 0.43 14.12 -20.60
CA ARG B 188 1.54 14.08 -21.54
C ARG B 188 1.19 14.86 -22.80
N GLU B 189 0.00 14.60 -23.36
CA GLU B 189 -0.44 15.28 -24.56
C GLU B 189 -0.76 16.75 -24.31
N ARG B 190 -1.50 17.01 -23.24
CA ARG B 190 -1.88 18.38 -22.89
C ARG B 190 -0.64 19.27 -22.76
N ASP B 191 0.39 18.77 -22.09
CA ASP B 191 1.62 19.54 -21.89
C ASP B 191 2.59 19.40 -23.05
N GLY B 192 2.20 18.63 -24.06
CA GLY B 192 3.04 18.45 -25.25
C GLY B 192 4.44 17.92 -25.02
N LEU B 193 4.56 16.86 -24.23
CA LEU B 193 5.86 16.26 -23.95
C LEU B 193 6.14 15.13 -24.95
N SER B 194 7.41 14.93 -25.28
CA SER B 194 7.79 13.86 -26.18
C SER B 194 7.83 12.59 -25.33
N TRP B 195 7.94 11.44 -25.97
CA TRP B 195 7.99 10.18 -25.21
C TRP B 195 9.22 10.17 -24.31
N ASP B 196 10.31 10.77 -24.77
CA ASP B 196 11.53 10.82 -23.98
C ASP B 196 11.34 11.70 -22.75
N GLU B 197 10.67 12.83 -22.91
CA GLU B 197 10.42 13.72 -21.80
C GLU B 197 9.43 13.06 -20.84
N TYR B 198 8.49 12.32 -21.40
CA TYR B 198 7.49 11.61 -20.59
C TYR B 198 8.19 10.52 -19.79
N SER B 199 9.21 9.90 -20.37
CA SER B 199 9.95 8.85 -19.70
C SER B 199 10.66 9.38 -18.46
N VAL B 200 11.08 10.65 -18.52
CA VAL B 200 11.75 11.27 -17.38
C VAL B 200 10.76 11.32 -16.22
N LEU B 201 9.52 11.71 -16.52
CA LEU B 201 8.49 11.79 -15.50
C LEU B 201 8.15 10.42 -14.93
N LEU B 202 8.07 9.41 -15.80
CA LEU B 202 7.75 8.06 -15.35
C LEU B 202 8.89 7.48 -14.52
N GLN B 203 10.13 7.86 -14.86
CA GLN B 203 11.28 7.38 -14.10
C GLN B 203 11.16 7.91 -12.67
N ARG B 204 10.80 9.18 -12.54
CA ARG B 204 10.65 9.76 -11.22
C ARG B 204 9.47 9.14 -10.48
N TYR B 205 8.36 8.91 -11.19
CA TYR B 205 7.18 8.32 -10.57
C TYR B 205 7.43 6.89 -10.06
N PHE B 206 7.85 6.01 -10.97
CA PHE B 206 8.09 4.63 -10.58
C PHE B 206 9.23 4.48 -9.58
N SER B 207 10.24 5.33 -9.70
CA SER B 207 11.37 5.26 -8.76
C SER B 207 10.86 5.60 -7.37
N HIS B 208 9.96 6.58 -7.29
CA HIS B 208 9.42 6.98 -6.01
C HIS B 208 8.50 5.90 -5.43
N VAL B 209 7.62 5.33 -6.26
CA VAL B 209 6.71 4.29 -5.79
C VAL B 209 7.51 3.05 -5.36
N GLU B 210 8.61 2.81 -6.06
CA GLU B 210 9.50 1.69 -5.78
C GLU B 210 10.09 1.84 -4.38
N PHE B 211 10.49 3.05 -4.02
CA PHE B 211 11.04 3.30 -2.69
C PHE B 211 9.94 3.17 -1.64
N LEU B 212 8.74 3.63 -1.98
CA LEU B 212 7.63 3.56 -1.04
C LEU B 212 7.15 2.15 -0.70
N PHE B 213 7.20 1.23 -1.66
CA PHE B 213 6.68 -0.11 -1.41
C PHE B 213 7.52 -1.34 -1.72
N SER B 214 8.72 -1.15 -2.28
CA SER B 214 9.58 -2.29 -2.63
C SER B 214 8.79 -3.39 -3.34
N PRO B 215 8.08 -3.05 -4.42
CA PRO B 215 7.29 -4.05 -5.15
C PRO B 215 8.12 -5.14 -5.81
N GLU B 216 7.50 -6.29 -6.04
CA GLU B 216 8.15 -7.42 -6.68
C GLU B 216 8.09 -7.21 -8.18
N LEU B 217 7.07 -6.45 -8.60
CA LEU B 217 6.83 -6.21 -10.01
C LEU B 217 5.89 -5.04 -10.26
N PHE B 218 6.12 -4.34 -11.37
CA PHE B 218 5.27 -3.24 -11.81
C PHE B 218 4.62 -3.74 -13.09
N ILE B 219 3.31 -3.51 -13.23
CA ILE B 219 2.60 -3.91 -14.42
C ILE B 219 1.92 -2.63 -14.92
N VAL B 220 2.18 -2.26 -16.16
CA VAL B 220 1.61 -1.04 -16.73
C VAL B 220 0.39 -1.31 -17.59
N GLY B 221 -0.74 -0.73 -17.19
CA GLY B 221 -1.97 -0.90 -17.92
C GLY B 221 -2.46 0.45 -18.38
N GLY B 222 -3.75 0.53 -18.73
CA GLY B 222 -4.30 1.81 -19.16
C GLY B 222 -4.27 1.97 -20.67
N GLY B 223 -4.87 3.06 -21.13
CA GLY B 223 -4.91 3.36 -22.55
C GLY B 223 -3.61 3.34 -23.34
N ILE B 224 -2.51 3.73 -22.71
CA ILE B 224 -1.24 3.74 -23.43
C ILE B 224 -0.24 2.63 -23.07
N SER B 225 -0.74 1.54 -22.49
CA SER B 225 0.16 0.43 -22.15
C SER B 225 0.62 -0.19 -23.48
N LYS B 226 -0.20 -0.02 -24.51
CA LYS B 226 0.10 -0.54 -25.83
C LYS B 226 1.25 0.26 -26.46
N ARG B 227 1.60 1.37 -25.82
CA ARG B 227 2.67 2.24 -26.31
C ARG B 227 3.90 2.08 -25.40
N ALA B 228 3.89 1.03 -24.59
CA ALA B 228 4.98 0.76 -23.66
C ALA B 228 6.39 0.80 -24.27
N ASP B 229 6.51 0.38 -25.53
CA ASP B 229 7.81 0.38 -26.19
C ASP B 229 8.39 1.78 -26.33
N GLU B 230 7.54 2.79 -26.17
CA GLU B 230 7.98 4.19 -26.30
C GLU B 230 8.62 4.77 -25.05
N TYR B 231 8.39 4.14 -23.89
CA TYR B 231 8.95 4.66 -22.65
C TYR B 231 9.64 3.67 -21.71
N LEU B 232 9.11 2.46 -21.58
CA LEU B 232 9.70 1.48 -20.68
C LEU B 232 11.19 1.22 -20.94
N PRO B 233 11.61 1.16 -22.21
CA PRO B 233 13.02 0.90 -22.51
C PRO B 233 13.97 1.96 -21.94
N ASN B 234 13.46 3.17 -21.72
CA ASN B 234 14.27 4.26 -21.18
C ASN B 234 14.38 4.27 -19.66
N LEU B 235 13.50 3.53 -18.99
CA LEU B 235 13.53 3.49 -17.53
C LEU B 235 14.67 2.65 -16.98
N ARG B 236 15.12 3.03 -15.79
CA ARG B 236 16.18 2.33 -15.08
C ARG B 236 15.70 2.12 -13.65
N LEU B 237 14.94 1.06 -13.43
CA LEU B 237 14.40 0.75 -12.11
C LEU B 237 15.04 -0.51 -11.55
N ARG B 238 14.88 -0.75 -10.25
CA ARG B 238 15.42 -1.96 -9.65
C ARG B 238 14.31 -3.00 -9.60
N THR B 239 13.12 -2.60 -10.07
CA THR B 239 11.97 -3.48 -10.09
C THR B 239 11.62 -3.85 -11.54
N PRO B 240 11.32 -5.13 -11.80
CA PRO B 240 10.98 -5.53 -13.17
C PRO B 240 9.68 -4.80 -13.53
N ILE B 241 9.56 -4.35 -14.77
CA ILE B 241 8.35 -3.66 -15.20
C ILE B 241 7.90 -4.13 -16.57
N VAL B 242 6.63 -4.50 -16.69
CA VAL B 242 6.08 -4.99 -17.95
C VAL B 242 4.66 -4.50 -18.20
N PRO B 243 4.24 -4.48 -19.48
CA PRO B 243 2.89 -4.04 -19.80
C PRO B 243 1.89 -5.13 -19.41
N ALA B 244 0.65 -4.73 -19.11
CA ALA B 244 -0.38 -5.68 -18.73
C ALA B 244 -0.65 -6.66 -19.87
N VAL B 245 -0.83 -7.94 -19.52
CA VAL B 245 -1.10 -8.96 -20.51
C VAL B 245 -2.44 -8.72 -21.22
N LEU B 246 -3.48 -8.45 -20.44
CA LEU B 246 -4.80 -8.21 -21.01
C LEU B 246 -4.96 -6.83 -21.64
N ARG B 247 -3.87 -6.08 -21.71
CA ARG B 247 -3.90 -4.75 -22.31
C ARG B 247 -4.95 -3.88 -21.63
N ASN B 248 -5.62 -3.03 -22.41
CA ASN B 248 -6.63 -2.15 -21.86
C ASN B 248 -8.00 -2.82 -21.82
N GLU B 249 -7.99 -4.14 -21.85
CA GLU B 249 -9.22 -4.92 -21.80
C GLU B 249 -9.32 -5.58 -20.42
N ALA B 250 -8.31 -5.30 -19.60
CA ALA B 250 -8.23 -5.83 -18.24
C ALA B 250 -9.40 -5.36 -17.39
N GLY B 251 -9.86 -4.13 -17.63
CA GLY B 251 -10.97 -3.59 -16.87
C GLY B 251 -12.27 -4.37 -17.07
N ILE B 252 -12.60 -4.65 -18.32
CA ILE B 252 -13.81 -5.41 -18.63
C ILE B 252 -13.74 -6.78 -17.96
N VAL B 253 -12.60 -7.45 -18.10
CA VAL B 253 -12.43 -8.76 -17.52
C VAL B 253 -12.43 -8.72 -15.99
N GLY B 254 -11.75 -7.74 -15.42
CA GLY B 254 -11.70 -7.62 -13.97
C GLY B 254 -13.07 -7.35 -13.37
N ALA B 255 -13.90 -6.60 -14.10
CA ALA B 255 -15.24 -6.28 -13.63
C ALA B 255 -16.04 -7.57 -13.52
N ALA B 256 -15.86 -8.46 -14.49
CA ALA B 256 -16.55 -9.75 -14.50
C ALA B 256 -16.05 -10.60 -13.34
N ILE B 257 -14.75 -10.55 -13.09
CA ILE B 257 -14.14 -11.30 -11.99
C ILE B 257 -14.77 -10.90 -10.66
N GLU B 258 -14.92 -9.59 -10.47
CA GLU B 258 -15.51 -9.05 -9.24
C GLU B 258 -16.88 -9.67 -9.00
N ILE B 259 -17.71 -9.72 -10.03
CA ILE B 259 -19.04 -10.30 -9.91
C ILE B 259 -18.96 -11.74 -9.39
N ALA B 260 -18.07 -12.52 -9.98
CA ALA B 260 -17.90 -13.91 -9.60
C ALA B 260 -17.33 -14.10 -8.19
N LEU B 261 -16.70 -13.06 -7.66
CA LEU B 261 -16.11 -13.14 -6.32
C LEU B 261 -17.12 -13.24 -5.18
N GLN B 262 -18.22 -12.50 -5.26
CA GLN B 262 -19.24 -12.56 -4.21
C GLN B 262 -20.42 -13.43 -4.63
N HIS B 263 -20.69 -13.46 -5.94
CA HIS B 263 -21.78 -14.26 -6.46
C HIS B 263 -21.33 -15.71 -6.65
C2 BGC C . 12.59 5.43 7.96
C3 BGC C . 11.72 4.20 8.23
C4 BGC C . 11.47 4.05 9.74
C5 BGC C . 10.90 5.36 10.31
C6 BGC C . 10.70 5.34 11.81
C1 BGC C . 11.94 6.66 8.60
O1 BGC C . 12.73 7.78 8.40
O2 BGC C . 12.75 5.62 6.56
O3 BGC C . 12.35 3.03 7.73
O4 BGC C . 10.56 2.98 9.98
O5 BGC C . 11.79 6.46 10.01
O6 BGC C . 11.89 4.97 12.49
P PO4 D . 13.08 6.42 17.41
O1 PO4 D . 13.06 5.03 16.65
O2 PO4 D . 11.94 7.37 17.10
O3 PO4 D . 13.01 5.95 18.88
O4 PO4 D . 14.45 6.97 17.06
P PO4 E . 13.86 4.28 23.58
O1 PO4 E . 13.07 4.03 24.94
O2 PO4 E . 14.42 5.67 23.37
O3 PO4 E . 14.98 3.24 23.69
O4 PO4 E . 12.83 3.87 22.53
C2 BGC F . -8.76 8.07 -10.13
C3 BGC F . -8.63 6.57 -9.91
C4 BGC F . -8.63 5.85 -11.27
C5 BGC F . -7.54 6.45 -12.18
C6 BGC F . -7.53 5.85 -13.57
C1 BGC F . -7.63 8.55 -11.04
O1 BGC F . -7.73 9.92 -11.27
O2 BGC F . -8.70 8.75 -8.88
O3 BGC F . -9.70 6.10 -9.11
O4 BGC F . -8.38 4.46 -11.08
O5 BGC F . -7.71 7.88 -12.30
O6 BGC F . -8.78 6.06 -14.23
P PO4 G . -9.64 6.20 -19.35
O1 PO4 G . -10.17 7.68 -19.28
O2 PO4 G . -10.11 5.38 -20.52
O3 PO4 G . -8.12 6.42 -19.43
O4 PO4 G . -10.05 5.64 -17.99
P PO4 H . -11.39 3.78 -25.51
O1 PO4 H . -11.65 5.26 -25.99
O2 PO4 H . -10.30 3.01 -26.22
O3 PO4 H . -11.01 4.00 -24.03
O4 PO4 H . -12.77 3.15 -25.62
#